data_7O07
#
_entry.id   7O07
#
_cell.length_a   82.592
_cell.length_b   112.585
_cell.length_c   63.212
_cell.angle_alpha   90.000
_cell.angle_beta   90.000
_cell.angle_gamma   90.000
#
_symmetry.space_group_name_H-M   'C 2 2 21'
#
loop_
_entity.id
_entity.type
_entity.pdbx_description
1 polymer '14-3-3 protein sigma'
2 polymer 'Transcriptional coactivator YAP1'
3 non-polymer 'MAGNESIUM ION'
4 water water
#
loop_
_entity_poly.entity_id
_entity_poly.type
_entity_poly.pdbx_seq_one_letter_code
_entity_poly.pdbx_strand_id
1 'polypeptide(L)'
;GAMGSMERASLIQKAKLAEQAERYEDMAAFMKGAVEKGEELSCEERNLLSVAYKNVVGGQRAAWRVLSSIEQKSNEEGSE
EKGPEVREYREKVETELQGVCDTVLGLLDSHLIKEAGDAESRVFYLKMKGDYYRYLAEVATGDDKKRIIDSARSAYQEAM
DISKKEMPPTNPIRLGLALNFSVFHYEIANSPEEAISLAKTTFDEAMADLHTLSEDSYKDSTLIMQLLRDNLTLWT
;
A
2 'polypeptide(L)' (ACE)RAH(SEP)SPA(UXQ)LQ(NH2) P
#
# COMPACT_ATOMS: atom_id res chain seq x y z
N GLY A 1 -19.00 7.87 -14.74
CA GLY A 1 -18.45 6.54 -14.56
C GLY A 1 -19.37 5.44 -15.04
N ALA A 2 -18.79 4.35 -15.54
CA ALA A 2 -19.58 3.24 -16.05
C ALA A 2 -20.35 2.52 -14.96
N MET A 3 -20.00 2.74 -13.69
CA MET A 3 -20.72 2.11 -12.58
C MET A 3 -21.82 2.99 -12.00
N GLY A 4 -22.08 4.16 -12.58
CA GLY A 4 -23.05 5.08 -12.00
C GLY A 4 -24.47 4.54 -11.93
N SER A 5 -24.82 3.61 -12.81
N SER A 5 -24.81 3.60 -12.81
CA SER A 5 -26.17 3.05 -12.82
CA SER A 5 -26.15 3.03 -12.84
C SER A 5 -26.31 1.80 -11.95
C SER A 5 -26.32 1.81 -11.93
N MET A 6 -25.24 1.29 -11.35
CA MET A 6 -25.33 0.09 -10.54
C MET A 6 -25.48 0.44 -9.07
N GLU A 7 -26.35 -0.31 -8.38
CA GLU A 7 -26.56 -0.12 -6.94
C GLU A 7 -25.25 -0.31 -6.17
N ARG A 8 -25.08 0.49 -5.11
CA ARG A 8 -23.90 0.34 -4.24
C ARG A 8 -23.77 -1.10 -3.74
N ALA A 9 -24.86 -1.70 -3.27
CA ALA A 9 -24.77 -3.04 -2.72
C ALA A 9 -24.40 -4.06 -3.79
N SER A 10 -24.88 -3.85 -5.02
CA SER A 10 -24.53 -4.74 -6.13
C SER A 10 -23.05 -4.62 -6.49
N LEU A 11 -22.50 -3.42 -6.43
CA LEU A 11 -21.07 -3.23 -6.68
C LEU A 11 -20.23 -3.96 -5.67
N ILE A 12 -20.62 -3.90 -4.39
N ILE A 12 -20.63 -3.92 -4.39
CA ILE A 12 -19.91 -4.61 -3.34
CA ILE A 12 -19.87 -4.62 -3.37
C ILE A 12 -20.01 -6.11 -3.53
C ILE A 12 -20.01 -6.13 -3.51
N GLN A 13 -21.21 -6.60 -3.84
CA GLN A 13 -21.41 -8.02 -4.10
C GLN A 13 -20.53 -8.51 -5.25
N LYS A 14 -20.48 -7.72 -6.32
CA LYS A 14 -19.68 -8.11 -7.47
C LYS A 14 -18.19 -7.99 -7.19
N ALA A 15 -17.76 -7.04 -6.36
CA ALA A 15 -16.36 -7.00 -5.97
C ALA A 15 -15.96 -8.28 -5.26
N LYS A 16 -16.84 -8.82 -4.41
CA LYS A 16 -16.52 -10.06 -3.72
C LYS A 16 -16.47 -11.23 -4.69
N LEU A 17 -17.36 -11.27 -5.68
CA LEU A 17 -17.29 -12.30 -6.71
C LEU A 17 -16.02 -12.19 -7.53
N ALA A 18 -15.64 -10.95 -7.89
CA ALA A 18 -14.42 -10.74 -8.66
C ALA A 18 -13.20 -11.21 -7.87
N GLU A 19 -13.19 -10.99 -6.55
CA GLU A 19 -12.10 -11.49 -5.73
C GLU A 19 -12.01 -13.01 -5.79
N GLN A 20 -13.15 -13.69 -5.68
CA GLN A 20 -13.17 -15.15 -5.73
C GLN A 20 -12.65 -15.66 -7.06
N ALA A 21 -12.94 -14.93 -8.15
CA ALA A 21 -12.50 -15.29 -9.49
C ALA A 21 -11.11 -14.76 -9.83
N GLU A 22 -10.45 -14.10 -8.88
N GLU A 22 -10.45 -14.08 -8.89
CA GLU A 22 -9.13 -13.49 -9.12
CA GLU A 22 -9.13 -13.49 -9.11
C GLU A 22 -9.15 -12.53 -10.30
C GLU A 22 -9.12 -12.48 -10.25
N ARG A 23 -10.22 -11.76 -10.41
CA ARG A 23 -10.38 -10.73 -11.45
C ARG A 23 -10.20 -9.38 -10.78
N TYR A 24 -8.94 -9.03 -10.52
CA TYR A 24 -8.68 -7.89 -9.64
C TYR A 24 -8.92 -6.55 -10.33
N GLU A 25 -8.72 -6.47 -11.64
N GLU A 25 -8.72 -6.47 -11.64
CA GLU A 25 -9.07 -5.24 -12.34
CA GLU A 25 -9.07 -5.24 -12.34
C GLU A 25 -10.57 -4.98 -12.24
C GLU A 25 -10.57 -4.97 -12.25
N ASP A 26 -11.39 -6.01 -12.46
CA ASP A 26 -12.83 -5.84 -12.27
C ASP A 26 -13.14 -5.46 -10.82
N MET A 27 -12.50 -6.13 -9.87
CA MET A 27 -12.75 -5.84 -8.46
C MET A 27 -12.47 -4.38 -8.16
N ALA A 28 -11.37 -3.85 -8.68
CA ALA A 28 -11.03 -2.45 -8.44
C ALA A 28 -12.04 -1.51 -9.08
N ALA A 29 -12.50 -1.83 -10.30
CA ALA A 29 -13.51 -0.99 -10.94
C ALA A 29 -14.82 -0.98 -10.15
N PHE A 30 -15.23 -2.14 -9.62
CA PHE A 30 -16.44 -2.19 -8.81
C PHE A 30 -16.27 -1.36 -7.54
N MET A 31 -15.11 -1.48 -6.87
CA MET A 31 -14.91 -0.74 -5.62
C MET A 31 -14.77 0.76 -5.87
N LYS A 32 -14.14 1.16 -6.97
CA LYS A 32 -14.14 2.57 -7.34
C LYS A 32 -15.56 3.09 -7.51
N GLY A 33 -16.41 2.32 -8.20
CA GLY A 33 -17.81 2.70 -8.33
C GLY A 33 -18.49 2.82 -6.98
N ALA A 34 -18.21 1.89 -6.07
CA ALA A 34 -18.80 1.97 -4.74
C ALA A 34 -18.35 3.23 -3.99
N VAL A 35 -17.05 3.55 -4.04
CA VAL A 35 -16.56 4.76 -3.38
C VAL A 35 -17.26 5.98 -3.94
N GLU A 36 -17.45 6.02 -5.26
CA GLU A 36 -18.01 7.20 -5.90
C GLU A 36 -19.49 7.38 -5.61
N LYS A 37 -20.16 6.42 -4.95
CA LYS A 37 -21.51 6.66 -4.46
C LYS A 37 -21.53 7.74 -3.38
N GLY A 38 -20.40 8.00 -2.73
CA GLY A 38 -20.29 9.12 -1.81
C GLY A 38 -20.47 8.77 -0.34
N GLU A 39 -20.87 7.55 -0.01
CA GLU A 39 -21.00 7.14 1.37
C GLU A 39 -19.67 6.65 1.91
N GLU A 40 -19.49 6.76 3.22
CA GLU A 40 -18.30 6.19 3.86
C GLU A 40 -18.28 4.67 3.70
N LEU A 41 -17.09 4.08 3.84
CA LEU A 41 -16.90 2.64 3.69
C LEU A 41 -16.79 1.99 5.05
N SER A 42 -17.39 0.82 5.18
CA SER A 42 -17.23 -0.02 6.36
C SER A 42 -15.84 -0.65 6.37
N CYS A 43 -15.50 -1.31 7.48
CA CYS A 43 -14.23 -2.02 7.56
C CYS A 43 -14.07 -3.04 6.42
N GLU A 44 -15.10 -3.84 6.18
CA GLU A 44 -15.03 -4.84 5.12
C GLU A 44 -14.82 -4.17 3.77
N GLU A 45 -15.51 -3.05 3.53
CA GLU A 45 -15.43 -2.38 2.24
C GLU A 45 -14.08 -1.73 2.03
N ARG A 46 -13.51 -1.12 3.08
CA ARG A 46 -12.15 -0.57 2.96
C ARG A 46 -11.16 -1.65 2.59
N ASN A 47 -11.28 -2.83 3.20
CA ASN A 47 -10.37 -3.91 2.89
C ASN A 47 -10.58 -4.43 1.47
N LEU A 48 -11.82 -4.45 0.97
CA LEU A 48 -12.04 -4.81 -0.43
C LEU A 48 -11.35 -3.84 -1.36
N LEU A 49 -11.45 -2.54 -1.07
CA LEU A 49 -10.82 -1.52 -1.89
C LEU A 49 -9.32 -1.71 -1.92
N SER A 50 -8.71 -1.95 -0.76
CA SER A 50 -7.26 -2.14 -0.70
C SER A 50 -6.82 -3.41 -1.40
N VAL A 51 -7.51 -4.53 -1.16
CA VAL A 51 -7.14 -5.79 -1.82
C VAL A 51 -7.17 -5.62 -3.33
N ALA A 52 -8.21 -4.96 -3.85
CA ALA A 52 -8.35 -4.84 -5.30
C ALA A 52 -7.19 -4.06 -5.90
N TYR A 53 -6.93 -2.85 -5.39
CA TYR A 53 -5.90 -2.02 -5.99
C TYR A 53 -4.50 -2.54 -5.69
N LYS A 54 -4.31 -3.19 -4.54
CA LYS A 54 -2.97 -3.72 -4.26
C LYS A 54 -2.60 -4.81 -5.24
N ASN A 55 -3.57 -5.64 -5.63
CA ASN A 55 -3.31 -6.68 -6.61
C ASN A 55 -3.10 -6.09 -8.00
N VAL A 56 -3.89 -5.08 -8.39
CA VAL A 56 -3.67 -4.45 -9.69
C VAL A 56 -2.27 -3.84 -9.76
N VAL A 57 -1.94 -2.98 -8.80
N VAL A 57 -1.94 -2.96 -8.82
CA VAL A 57 -0.64 -2.32 -8.83
CA VAL A 57 -0.62 -2.33 -8.87
C VAL A 57 0.49 -3.32 -8.62
C VAL A 57 0.48 -3.36 -8.68
N GLY A 58 0.22 -4.43 -7.93
CA GLY A 58 1.25 -5.43 -7.71
C GLY A 58 1.70 -6.08 -9.01
N GLY A 59 0.76 -6.40 -9.90
CA GLY A 59 1.13 -6.92 -11.20
C GLY A 59 1.91 -5.91 -12.01
N GLN A 60 1.53 -4.63 -11.94
CA GLN A 60 2.23 -3.60 -12.69
C GLN A 60 3.64 -3.39 -12.16
N ARG A 61 3.82 -3.39 -10.84
CA ARG A 61 5.14 -3.22 -10.25
C ARG A 61 6.05 -4.38 -10.64
N ALA A 62 5.52 -5.60 -10.60
CA ALA A 62 6.35 -6.75 -10.98
C ALA A 62 6.78 -6.65 -12.43
N ALA A 63 5.86 -6.23 -13.31
CA ALA A 63 6.19 -6.10 -14.73
C ALA A 63 7.19 -4.99 -14.95
N TRP A 64 7.00 -3.85 -14.27
CA TRP A 64 7.92 -2.74 -14.39
C TRP A 64 9.34 -3.14 -13.99
N ARG A 65 9.46 -3.93 -12.91
N ARG A 65 9.47 -3.92 -12.91
CA ARG A 65 10.78 -4.35 -12.46
CA ARG A 65 10.78 -4.35 -12.46
C ARG A 65 11.47 -5.24 -13.50
C ARG A 65 11.47 -5.24 -13.50
N VAL A 66 10.70 -6.14 -14.14
CA VAL A 66 11.27 -6.99 -15.18
C VAL A 66 11.78 -6.13 -16.33
N LEU A 67 10.97 -5.17 -16.79
CA LEU A 67 11.34 -4.34 -17.93
C LEU A 67 12.48 -3.40 -17.59
N SER A 68 12.47 -2.84 -16.38
N SER A 68 12.48 -2.85 -16.38
CA SER A 68 13.56 -1.94 -15.96
CA SER A 68 13.56 -1.95 -15.97
C SER A 68 14.89 -2.68 -15.92
C SER A 68 14.89 -2.68 -15.94
N SER A 69 14.89 -3.94 -15.51
CA SER A 69 16.13 -4.71 -15.45
C SER A 69 16.65 -4.99 -16.86
N ILE A 70 15.75 -5.34 -17.79
CA ILE A 70 16.16 -5.53 -19.18
C ILE A 70 16.75 -4.24 -19.74
N GLU A 71 16.08 -3.12 -19.48
CA GLU A 71 16.56 -1.83 -19.97
C GLU A 71 17.93 -1.49 -19.40
N GLN A 72 18.15 -1.79 -18.12
CA GLN A 72 19.44 -1.49 -17.51
C GLN A 72 20.56 -2.32 -18.14
N LYS A 73 20.29 -3.58 -18.44
CA LYS A 73 21.29 -4.42 -19.11
C LYS A 73 21.59 -3.89 -20.51
N SER A 74 20.58 -3.35 -21.19
CA SER A 74 20.75 -2.84 -22.54
C SER A 74 21.67 -1.63 -22.59
N ASN A 75 21.82 -0.90 -21.47
CA ASN A 75 22.63 0.30 -21.43
C ASN A 75 24.00 0.06 -20.80
N GLU A 76 24.47 -1.18 -20.79
CA GLU A 76 25.80 -1.49 -20.28
C GLU A 76 26.84 -1.29 -21.38
N SER A 79 25.00 -5.02 -24.79
CA SER A 79 25.82 -3.93 -25.27
C SER A 79 25.48 -3.56 -26.71
N GLU A 80 24.73 -4.45 -27.38
CA GLU A 80 24.31 -4.20 -28.75
C GLU A 80 23.06 -3.34 -28.76
N GLU A 81 23.03 -2.34 -29.64
CA GLU A 81 21.88 -1.44 -29.73
C GLU A 81 20.70 -2.18 -30.34
N LYS A 82 19.53 -2.06 -29.70
CA LYS A 82 18.33 -2.75 -30.15
C LYS A 82 17.18 -1.80 -30.45
N GLY A 83 17.40 -0.50 -30.38
CA GLY A 83 16.37 0.45 -30.70
C GLY A 83 15.60 0.91 -29.48
N PRO A 84 14.53 1.67 -29.71
CA PRO A 84 13.80 2.31 -28.61
C PRO A 84 12.76 1.43 -27.93
N GLU A 85 12.59 0.17 -28.35
CA GLU A 85 11.41 -0.61 -27.96
C GLU A 85 11.38 -0.92 -26.46
N VAL A 86 12.52 -1.28 -25.87
CA VAL A 86 12.52 -1.62 -24.43
C VAL A 86 12.11 -0.40 -23.61
N ARG A 87 12.70 0.76 -23.90
CA ARG A 87 12.34 1.99 -23.19
C ARG A 87 10.87 2.32 -23.41
N GLU A 88 10.39 2.22 -24.66
CA GLU A 88 9.00 2.55 -24.95
C GLU A 88 8.06 1.68 -24.14
N TYR A 89 8.32 0.38 -24.09
CA TYR A 89 7.39 -0.51 -23.42
C TYR A 89 7.48 -0.36 -21.89
N ARG A 90 8.70 -0.16 -21.36
CA ARG A 90 8.82 0.18 -19.95
C ARG A 90 8.03 1.43 -19.62
N GLU A 91 8.10 2.44 -20.50
N GLU A 91 8.10 2.44 -20.50
CA GLU A 91 7.36 3.67 -20.28
CA GLU A 91 7.36 3.67 -20.27
C GLU A 91 5.86 3.43 -20.33
C GLU A 91 5.85 3.44 -20.34
N LYS A 92 5.41 2.54 -21.21
CA LYS A 92 3.98 2.24 -21.30
C LYS A 92 3.47 1.64 -19.99
N VAL A 93 4.19 0.64 -19.48
CA VAL A 93 3.80 0.01 -18.21
C VAL A 93 3.88 1.02 -17.07
N GLU A 94 4.94 1.83 -17.05
CA GLU A 94 5.11 2.84 -16.02
C GLU A 94 3.95 3.83 -16.01
N THR A 95 3.53 4.29 -17.18
CA THR A 95 2.44 5.25 -17.27
C THR A 95 1.13 4.63 -16.76
N GLU A 96 0.90 3.36 -17.04
N GLU A 96 0.89 3.37 -17.10
CA GLU A 96 -0.31 2.70 -16.55
CA GLU A 96 -0.30 2.68 -16.59
C GLU A 96 -0.25 2.52 -15.04
C GLU A 96 -0.26 2.61 -15.07
N LEU A 97 0.93 2.17 -14.51
N LEU A 97 0.87 2.20 -14.52
CA LEU A 97 1.13 2.11 -13.06
CA LEU A 97 1.04 2.11 -13.07
C LEU A 97 0.81 3.45 -12.42
C LEU A 97 0.81 3.46 -12.40
N GLN A 98 1.39 4.53 -12.96
CA GLN A 98 1.16 5.87 -12.40
C GLN A 98 -0.30 6.23 -12.47
N GLY A 99 -1.00 5.81 -13.53
CA GLY A 99 -2.43 6.08 -13.63
C GLY A 99 -3.23 5.40 -12.54
N VAL A 100 -2.90 4.16 -12.21
CA VAL A 100 -3.60 3.48 -11.13
C VAL A 100 -3.32 4.15 -9.79
N CYS A 101 -2.05 4.52 -9.53
CA CYS A 101 -1.75 5.22 -8.29
C CYS A 101 -2.50 6.54 -8.19
N ASP A 102 -2.55 7.29 -9.30
CA ASP A 102 -3.28 8.55 -9.31
C ASP A 102 -4.77 8.34 -9.06
N THR A 103 -5.33 7.25 -9.60
CA THR A 103 -6.73 6.93 -9.35
C THR A 103 -6.98 6.70 -7.86
N VAL A 104 -6.14 5.89 -7.22
CA VAL A 104 -6.32 5.60 -5.80
C VAL A 104 -6.16 6.87 -4.98
N LEU A 105 -5.11 7.64 -5.26
CA LEU A 105 -4.89 8.89 -4.55
C LEU A 105 -6.07 9.84 -4.75
N GLY A 106 -6.68 9.83 -5.93
CA GLY A 106 -7.83 10.68 -6.17
C GLY A 106 -9.04 10.25 -5.34
N LEU A 107 -9.26 8.95 -5.19
CA LEU A 107 -10.35 8.49 -4.35
C LEU A 107 -10.13 8.89 -2.89
N LEU A 108 -8.88 8.77 -2.41
CA LEU A 108 -8.58 9.16 -1.05
C LEU A 108 -8.80 10.65 -0.84
N ASP A 109 -8.48 11.45 -1.84
CA ASP A 109 -8.62 12.90 -1.74
C ASP A 109 -10.05 13.39 -1.98
N SER A 110 -10.91 12.56 -2.60
CA SER A 110 -12.28 12.96 -2.98
C SER A 110 -13.24 11.78 -2.76
N HIS A 111 -13.65 11.53 -1.52
CA HIS A 111 -13.38 12.36 -0.34
C HIS A 111 -13.17 11.46 0.88
N LEU A 112 -12.50 10.32 0.69
CA LEU A 112 -12.45 9.32 1.75
C LEU A 112 -11.75 9.85 3.00
N ILE A 113 -10.58 10.48 2.83
CA ILE A 113 -9.83 10.90 4.02
C ILE A 113 -10.57 11.97 4.80
N LYS A 114 -11.11 12.98 4.09
CA LYS A 114 -11.70 14.10 4.82
C LYS A 114 -12.94 13.70 5.62
N GLU A 115 -13.63 12.62 5.24
CA GLU A 115 -14.80 12.16 5.98
C GLU A 115 -14.46 11.12 7.04
N ALA A 116 -13.20 10.66 7.11
CA ALA A 116 -12.82 9.57 8.00
C ALA A 116 -12.41 10.15 9.35
N GLY A 117 -13.22 9.89 10.37
CA GLY A 117 -12.99 10.44 11.70
C GLY A 117 -12.50 9.41 12.70
N ASP A 118 -12.88 8.16 12.54
CA ASP A 118 -12.44 7.14 13.49
C ASP A 118 -11.02 6.73 13.16
N ALA A 119 -10.25 6.37 14.19
CA ALA A 119 -8.84 6.07 13.97
C ALA A 119 -8.65 4.93 12.98
N GLU A 120 -9.49 3.90 13.06
CA GLU A 120 -9.31 2.75 12.20
C GLU A 120 -9.45 3.12 10.73
N SER A 121 -10.43 3.96 10.40
CA SER A 121 -10.58 4.36 9.01
C SER A 121 -9.51 5.38 8.61
N ARG A 122 -9.28 6.38 9.44
CA ARG A 122 -8.36 7.44 9.05
C ARG A 122 -6.94 6.94 8.89
N VAL A 123 -6.46 6.10 9.82
CA VAL A 123 -5.12 5.54 9.71
C VAL A 123 -5.01 4.64 8.48
N PHE A 124 -6.03 3.80 8.24
CA PHE A 124 -6.03 2.93 7.07
C PHE A 124 -5.87 3.74 5.78
N TYR A 125 -6.63 4.84 5.65
CA TYR A 125 -6.57 5.62 4.41
C TYR A 125 -5.27 6.40 4.29
N LEU A 126 -4.76 6.96 5.39
CA LEU A 126 -3.49 7.68 5.32
C LEU A 126 -2.34 6.73 5.02
N LYS A 127 -2.39 5.51 5.56
CA LYS A 127 -1.42 4.49 5.18
C LYS A 127 -1.49 4.21 3.69
N MET A 128 -2.70 4.05 3.15
N MET A 128 -2.71 4.06 3.15
CA MET A 128 -2.86 3.84 1.71
CA MET A 128 -2.86 3.85 1.72
C MET A 128 -2.26 5.00 0.92
C MET A 128 -2.27 5.00 0.91
N LYS A 129 -2.51 6.23 1.37
CA LYS A 129 -1.93 7.40 0.70
C LYS A 129 -0.40 7.30 0.67
N GLY A 130 0.21 6.96 1.81
CA GLY A 130 1.65 6.77 1.83
C GLY A 130 2.10 5.66 0.89
N ASP A 131 1.38 4.54 0.88
CA ASP A 131 1.71 3.40 0.04
C ASP A 131 1.71 3.79 -1.44
N TYR A 132 0.66 4.48 -1.90
CA TYR A 132 0.58 4.76 -3.34
C TYR A 132 1.55 5.85 -3.76
N TYR A 133 1.87 6.80 -2.87
CA TYR A 133 2.99 7.69 -3.17
C TYR A 133 4.32 6.92 -3.18
N ARG A 134 4.47 5.91 -2.32
CA ARG A 134 5.67 5.09 -2.34
C ARG A 134 5.81 4.34 -3.66
N TYR A 135 4.71 3.78 -4.18
CA TYR A 135 4.76 3.11 -5.49
C TYR A 135 5.12 4.10 -6.58
N LEU A 136 4.61 5.32 -6.52
CA LEU A 136 5.05 6.35 -7.46
C LEU A 136 6.54 6.65 -7.31
N ALA A 137 7.03 6.71 -6.07
CA ALA A 137 8.45 6.97 -5.84
C ALA A 137 9.34 5.88 -6.41
N GLU A 138 8.86 4.63 -6.43
CA GLU A 138 9.66 3.52 -6.95
C GLU A 138 10.06 3.73 -8.41
N VAL A 139 9.25 4.47 -9.18
CA VAL A 139 9.50 4.67 -10.61
C VAL A 139 9.89 6.09 -10.94
N ALA A 140 9.96 6.98 -9.95
CA ALA A 140 10.25 8.38 -10.20
C ALA A 140 11.73 8.60 -10.39
N THR A 141 12.08 9.44 -11.37
CA THR A 141 13.47 9.74 -11.69
C THR A 141 13.76 11.22 -11.95
N GLY A 142 12.74 12.05 -12.18
CA GLY A 142 12.94 13.42 -12.59
C GLY A 142 12.91 14.39 -11.43
N ASP A 143 12.61 15.65 -11.75
CA ASP A 143 12.60 16.74 -10.78
C ASP A 143 11.49 16.62 -9.74
N ASP A 144 10.65 15.59 -9.83
CA ASP A 144 9.55 15.39 -8.90
C ASP A 144 9.77 14.23 -7.94
N LYS A 145 10.90 13.54 -8.02
CA LYS A 145 11.15 12.43 -7.10
C LYS A 145 11.15 12.90 -5.65
N LYS A 146 11.83 14.01 -5.38
CA LYS A 146 11.91 14.50 -4.00
C LYS A 146 10.52 14.87 -3.46
N ARG A 147 9.69 15.48 -4.29
CA ARG A 147 8.37 15.87 -3.82
C ARG A 147 7.47 14.65 -3.60
N ILE A 148 7.58 13.63 -4.44
CA ILE A 148 6.80 12.41 -4.25
C ILE A 148 7.22 11.73 -2.96
N ILE A 149 8.53 11.67 -2.70
CA ILE A 149 9.03 11.05 -1.48
C ILE A 149 8.52 11.81 -0.26
N ASP A 150 8.52 13.14 -0.32
CA ASP A 150 8.02 13.93 0.78
C ASP A 150 6.53 13.70 1.00
N SER A 151 5.77 13.52 -0.08
CA SER A 151 4.34 13.27 0.06
C SER A 151 4.08 11.93 0.75
N ALA A 152 4.84 10.90 0.38
CA ALA A 152 4.69 9.61 1.06
C ALA A 152 5.04 9.74 2.53
N ARG A 153 6.20 10.35 2.83
N ARG A 153 6.16 10.43 2.83
CA ARG A 153 6.65 10.51 4.20
CA ARG A 153 6.58 10.63 4.22
C ARG A 153 5.60 11.22 5.04
C ARG A 153 5.51 11.34 5.04
N SER A 154 5.03 12.30 4.49
N SER A 154 4.96 12.42 4.48
CA SER A 154 4.06 13.11 5.23
CA SER A 154 3.98 13.20 5.23
C SER A 154 2.79 12.32 5.56
C SER A 154 2.73 12.38 5.54
N ALA A 155 2.28 11.55 4.59
CA ALA A 155 1.10 10.74 4.84
C ALA A 155 1.37 9.67 5.89
N TYR A 156 2.49 8.96 5.75
CA TYR A 156 2.86 7.94 6.74
C TYR A 156 3.00 8.57 8.12
N GLN A 157 3.61 9.76 8.20
CA GLN A 157 3.85 10.38 9.51
C GLN A 157 2.55 10.78 10.18
N GLU A 158 1.60 11.33 9.41
CA GLU A 158 0.31 11.64 9.99
C GLU A 158 -0.39 10.39 10.50
N ALA A 159 -0.34 9.30 9.72
CA ALA A 159 -0.94 8.05 10.15
C ALA A 159 -0.27 7.52 11.40
N MET A 160 1.06 7.61 11.48
N MET A 160 1.06 7.63 11.48
CA MET A 160 1.78 7.13 12.66
CA MET A 160 1.82 7.15 12.63
C MET A 160 1.35 7.91 13.89
C MET A 160 1.43 7.91 13.89
N ASP A 161 1.27 9.23 13.78
CA ASP A 161 0.92 10.04 14.93
C ASP A 161 -0.44 9.65 15.49
N ILE A 162 -1.43 9.45 14.60
CA ILE A 162 -2.76 9.05 15.05
C ILE A 162 -2.72 7.65 15.66
N SER A 163 -2.04 6.73 14.99
CA SER A 163 -2.03 5.34 15.43
C SER A 163 -1.41 5.19 16.82
N LYS A 164 -0.38 5.97 17.12
CA LYS A 164 0.27 5.86 18.42
C LYS A 164 -0.62 6.42 19.52
N LYS A 165 -1.43 7.43 19.21
N LYS A 165 -1.44 7.41 19.19
CA LYS A 165 -2.32 8.00 20.21
CA LYS A 165 -2.32 8.03 20.18
C LYS A 165 -3.56 7.13 20.42
C LYS A 165 -3.62 7.26 20.38
N GLU A 166 -4.11 6.56 19.35
CA GLU A 166 -5.46 6.01 19.37
C GLU A 166 -5.57 4.49 19.28
N MET A 167 -4.51 3.76 18.98
CA MET A 167 -4.61 2.32 18.79
C MET A 167 -3.61 1.61 19.68
N PRO A 168 -3.92 0.38 20.10
CA PRO A 168 -2.95 -0.40 20.86
C PRO A 168 -1.80 -0.83 19.96
N PRO A 169 -0.63 -1.13 20.55
CA PRO A 169 0.54 -1.48 19.72
C PRO A 169 0.38 -2.76 18.94
N THR A 170 -0.60 -3.60 19.27
CA THR A 170 -0.85 -4.84 18.53
C THR A 170 -1.87 -4.67 17.42
N ASN A 171 -2.49 -3.50 17.27
CA ASN A 171 -3.52 -3.34 16.27
C ASN A 171 -2.96 -3.66 14.88
N PRO A 172 -3.61 -4.52 14.09
CA PRO A 172 -3.04 -4.88 12.78
C PRO A 172 -2.85 -3.72 11.83
N ILE A 173 -3.73 -2.72 11.85
CA ILE A 173 -3.53 -1.55 10.98
C ILE A 173 -2.28 -0.78 11.42
N ARG A 174 -2.15 -0.55 12.73
CA ARG A 174 -0.96 0.12 13.25
C ARG A 174 0.30 -0.65 12.88
N LEU A 175 0.28 -1.98 13.02
CA LEU A 175 1.43 -2.80 12.69
C LEU A 175 1.76 -2.74 11.19
N GLY A 176 0.74 -2.87 10.34
CA GLY A 176 0.98 -2.81 8.91
C GLY A 176 1.49 -1.45 8.45
N LEU A 177 1.01 -0.39 9.08
CA LEU A 177 1.51 0.95 8.80
C LEU A 177 2.99 1.06 9.15
N ALA A 178 3.35 0.63 10.36
CA ALA A 178 4.76 0.72 10.78
C ALA A 178 5.64 -0.13 9.89
N LEU A 179 5.18 -1.33 9.53
CA LEU A 179 5.91 -2.17 8.58
C LEU A 179 6.18 -1.42 7.27
N ASN A 180 5.15 -0.80 6.69
CA ASN A 180 5.32 -0.14 5.40
C ASN A 180 6.15 1.13 5.51
N PHE A 181 6.01 1.89 6.61
CA PHE A 181 6.85 3.07 6.79
C PHE A 181 8.31 2.66 6.92
N SER A 182 8.57 1.52 7.59
N SER A 182 8.55 1.53 7.60
CA SER A 182 9.94 1.04 7.68
CA SER A 182 9.91 1.01 7.69
C SER A 182 10.49 0.65 6.30
C SER A 182 10.47 0.65 6.31
N VAL A 183 9.66 0.02 5.47
CA VAL A 183 10.07 -0.27 4.09
C VAL A 183 10.36 1.02 3.33
N PHE A 184 9.49 2.03 3.48
CA PHE A 184 9.75 3.34 2.91
C PHE A 184 11.13 3.85 3.30
N HIS A 185 11.46 3.81 4.60
CA HIS A 185 12.76 4.30 5.05
C HIS A 185 13.91 3.53 4.38
N TYR A 186 13.78 2.20 4.29
CA TYR A 186 14.89 1.39 3.78
C TYR A 186 15.03 1.53 2.27
N GLU A 187 13.93 1.44 1.53
CA GLU A 187 13.96 1.30 0.08
C GLU A 187 13.82 2.60 -0.68
N ILE A 188 13.20 3.62 -0.08
CA ILE A 188 12.90 4.87 -0.76
C ILE A 188 13.75 6.01 -0.24
N ALA A 189 13.83 6.15 1.09
CA ALA A 189 14.40 7.33 1.73
C ALA A 189 15.88 7.18 2.06
N ASN A 190 16.52 6.08 1.68
CA ASN A 190 17.95 5.90 1.96
C ASN A 190 18.25 6.02 3.45
N SER A 191 17.37 5.47 4.29
CA SER A 191 17.48 5.57 5.74
C SER A 191 17.37 4.19 6.37
N PRO A 192 18.31 3.29 6.08
CA PRO A 192 18.22 1.93 6.64
C PRO A 192 18.25 1.89 8.15
N GLU A 193 18.99 2.77 8.82
CA GLU A 193 18.99 2.74 10.29
C GLU A 193 17.64 3.12 10.85
N GLU A 194 16.96 4.10 10.26
CA GLU A 194 15.62 4.45 10.69
C GLU A 194 14.67 3.28 10.47
N ALA A 195 14.79 2.60 9.32
CA ALA A 195 13.95 1.44 9.03
C ALA A 195 14.11 0.36 10.09
N ILE A 196 15.37 0.06 10.45
CA ILE A 196 15.66 -0.99 11.42
C ILE A 196 15.14 -0.60 12.80
N SER A 197 15.39 0.65 13.21
N SER A 197 15.38 0.65 13.21
CA SER A 197 14.92 1.10 14.51
CA SER A 197 14.93 1.11 14.51
C SER A 197 13.41 1.03 14.60
C SER A 197 13.41 1.06 14.62
N LEU A 198 12.70 1.48 13.57
CA LEU A 198 11.25 1.46 13.60
C LEU A 198 10.72 0.03 13.66
N ALA A 199 11.29 -0.87 12.85
CA ALA A 199 10.83 -2.25 12.88
C ALA A 199 11.05 -2.89 14.25
N LYS A 200 12.22 -2.65 14.85
CA LYS A 200 12.53 -3.24 16.17
C LYS A 200 11.60 -2.71 17.25
N THR A 201 11.43 -1.39 17.32
N THR A 201 11.45 -1.38 17.33
CA THR A 201 10.59 -0.83 18.38
CA THR A 201 10.60 -0.80 18.36
C THR A 201 9.13 -1.22 18.21
C THR A 201 9.15 -1.26 18.20
N THR A 202 8.66 -1.30 16.95
CA THR A 202 7.29 -1.75 16.69
C THR A 202 7.10 -3.20 17.16
N PHE A 203 8.05 -4.07 16.80
CA PHE A 203 7.95 -5.47 17.20
C PHE A 203 7.94 -5.61 18.71
N ASP A 204 8.84 -4.92 19.40
CA ASP A 204 8.98 -5.08 20.84
C ASP A 204 7.76 -4.55 21.59
N GLU A 205 7.20 -3.43 21.13
CA GLU A 205 6.02 -2.89 21.79
C GLU A 205 4.81 -3.78 21.58
N ALA A 206 4.71 -4.41 20.41
CA ALA A 206 3.62 -5.35 20.18
C ALA A 206 3.77 -6.59 21.04
N MET A 207 4.99 -7.12 21.12
N MET A 207 4.99 -7.14 21.11
CA MET A 207 5.24 -8.32 21.93
CA MET A 207 5.27 -8.31 21.96
C MET A 207 4.76 -8.14 23.37
C MET A 207 4.71 -8.11 23.36
N ALA A 208 5.00 -6.95 23.95
CA ALA A 208 4.63 -6.67 25.32
C ALA A 208 3.14 -6.51 25.54
N ASP A 209 2.35 -6.40 24.46
CA ASP A 209 0.90 -6.23 24.54
C ASP A 209 0.14 -7.48 24.13
N LEU A 210 0.83 -8.53 23.66
CA LEU A 210 0.13 -9.73 23.20
C LEU A 210 -0.70 -10.38 24.31
N HIS A 211 -0.28 -10.23 25.57
CA HIS A 211 -0.97 -10.89 26.68
C HIS A 211 -2.41 -10.44 26.81
N THR A 212 -2.76 -9.28 26.25
CA THR A 212 -4.11 -8.75 26.37
C THR A 212 -5.09 -9.34 25.36
N LEU A 213 -4.62 -10.15 24.42
CA LEU A 213 -5.38 -10.51 23.23
C LEU A 213 -6.01 -11.90 23.33
N SER A 214 -7.14 -12.06 22.66
CA SER A 214 -7.76 -13.36 22.44
C SER A 214 -6.90 -14.19 21.50
N GLU A 215 -7.25 -15.48 21.38
CA GLU A 215 -6.50 -16.36 20.48
C GLU A 215 -6.55 -15.85 19.05
N ASP A 216 -7.72 -15.40 18.59
CA ASP A 216 -7.83 -14.98 17.19
C ASP A 216 -7.09 -13.66 16.94
N SER A 217 -7.20 -12.72 17.88
CA SER A 217 -6.47 -11.45 17.73
C SER A 217 -4.96 -11.67 17.83
N TYR A 218 -4.54 -12.59 18.70
CA TYR A 218 -3.13 -12.93 18.77
C TYR A 218 -2.61 -13.42 17.43
N LYS A 219 -3.39 -14.26 16.73
N LYS A 219 -3.39 -14.26 16.73
CA LYS A 219 -3.00 -14.72 15.41
CA LYS A 219 -3.00 -14.72 15.41
C LYS A 219 -2.89 -13.55 14.42
C LYS A 219 -2.90 -13.56 14.42
N ASP A 220 -3.86 -12.64 14.45
CA ASP A 220 -3.84 -11.48 13.55
C ASP A 220 -2.57 -10.66 13.76
N SER A 221 -2.23 -10.38 15.01
CA SER A 221 -1.09 -9.51 15.31
C SER A 221 0.23 -10.21 15.02
N THR A 222 0.36 -11.47 15.42
CA THR A 222 1.65 -12.14 15.25
C THR A 222 1.96 -12.37 13.78
N LEU A 223 0.94 -12.49 12.92
CA LEU A 223 1.21 -12.62 11.49
C LEU A 223 1.97 -11.41 10.96
N ILE A 224 1.55 -10.20 11.34
N ILE A 224 1.55 -10.20 11.33
CA ILE A 224 2.23 -8.99 10.90
CA ILE A 224 2.25 -9.01 10.87
C ILE A 224 3.58 -8.85 11.59
C ILE A 224 3.58 -8.83 11.60
N MET A 225 3.65 -9.21 12.87
CA MET A 225 4.92 -9.12 13.59
C MET A 225 5.98 -9.99 12.92
N GLN A 226 5.58 -11.14 12.37
CA GLN A 226 6.53 -12.00 11.68
C GLN A 226 7.13 -11.31 10.45
N LEU A 227 6.33 -10.47 9.77
CA LEU A 227 6.85 -9.73 8.63
C LEU A 227 7.91 -8.72 9.07
N LEU A 228 7.69 -8.04 10.21
CA LEU A 228 8.72 -7.16 10.76
C LEU A 228 9.99 -7.94 11.04
N ARG A 229 9.85 -9.12 11.66
CA ARG A 229 11.01 -9.96 11.95
C ARG A 229 11.71 -10.41 10.68
N ASP A 230 10.95 -10.79 9.65
CA ASP A 230 11.55 -11.20 8.38
C ASP A 230 12.38 -10.07 7.78
N ASN A 231 11.87 -8.84 7.84
CA ASN A 231 12.64 -7.71 7.32
C ASN A 231 13.89 -7.47 8.15
N LEU A 232 13.77 -7.53 9.47
CA LEU A 232 14.97 -7.35 10.30
C LEU A 232 16.03 -8.39 9.98
N THR A 233 15.62 -9.62 9.71
CA THR A 233 16.59 -10.66 9.35
C THR A 233 17.26 -10.34 8.02
N LEU A 234 16.49 -9.82 7.06
N LEU A 234 16.50 -9.80 7.06
CA LEU A 234 17.07 -9.43 5.78
CA LEU A 234 17.05 -9.43 5.77
C LEU A 234 18.05 -8.28 5.95
C LEU A 234 17.99 -8.23 5.87
N TRP A 235 17.71 -7.30 6.79
CA TRP A 235 18.44 -6.04 6.87
C TRP A 235 19.62 -6.06 7.84
N THR A 236 19.73 -7.07 8.69
CA THR A 236 20.79 -7.08 9.70
C THR A 236 21.64 -8.34 9.60
N ARG B 2 14.26 -7.81 -1.76
CA ARG B 2 13.11 -6.96 -1.46
C ARG B 2 12.48 -7.28 -0.11
N ALA B 3 12.12 -6.25 0.64
CA ALA B 3 11.49 -6.44 1.93
C ALA B 3 10.01 -6.76 1.76
N HIS B 4 9.43 -7.30 2.82
CA HIS B 4 8.01 -7.58 2.87
C HIS B 4 7.26 -6.32 3.26
N SER B 6 3.06 -4.79 3.99
N SER B 6 3.06 -4.79 4.02
CA SER B 6 1.84 -5.26 4.64
CA SER B 6 1.86 -5.30 4.66
C SER B 6 0.92 -5.98 3.67
C SER B 6 0.94 -6.00 3.67
N PRO B 7 0.16 -6.96 4.16
CA PRO B 7 -0.94 -7.47 3.35
C PRO B 7 -1.97 -6.37 3.16
N ALA B 8 -2.79 -6.51 2.13
CA ALA B 8 -3.82 -5.51 1.87
C ALA B 8 -4.93 -5.54 2.92
N LEU B 10 -6.26 -5.74 6.55
CA LEU B 10 -5.80 -5.59 7.92
C LEU B 10 -7.04 -5.52 8.80
N GLN B 11 -7.09 -6.37 9.82
CA GLN B 11 -8.28 -6.49 10.66
C GLN B 11 -8.63 -5.18 11.36
#